data_7H6H
#
_entry.id   7H6H
#
_cell.length_a   80.210
_cell.length_b   44.730
_cell.length_c   67.270
_cell.angle_alpha   90.00
_cell.angle_beta   107.08
_cell.angle_gamma   90.00
#
_symmetry.space_group_name_H-M   'C 1 2 1'
#
loop_
_entity.id
_entity.type
_entity.pdbx_description
1 polymer 'Cathepsin G'
2 non-polymer 'ZINC ION'
3 non-polymer '1-[(7-fluoronaphthalen-1-yl)methyl]-3-{[(methoxycarbonyl)(methyl)amino]methyl}-1H-indole-2-carboxylic acid'
4 non-polymer 'SULFATE ION'
5 water water
#
_entity_poly.entity_id   1
_entity_poly.type   'polypeptide(L)'
_entity_poly.pdbx_seq_one_letter_code
;IIGGRESRPHSRPYMAYLQIQSPAGQSRCGGFLVREDFVLTAAHCWGSNINVTLGAHNIQRRENTQQHITARRAIRHPQY
NQRTIQNDIMLLQLSRRVRRNRNVNPVALPRAQEGLRPGTLCTVAGWGRVSMRRGTDTLREVQLRVQRDRQCLRIFGSYD
PRRQICVGDRRERKAAFKGDSGGPLLCNNVAHGIVSYGKSSGVPPEVFTRVSSFLPWIRTTMRSFKLLDQMETPL
;
_entity_poly.pdbx_strand_id   A
#
# COMPACT_ATOMS: atom_id res chain seq x y z
N ILE A 1 -8.31 -7.69 2.17
CA ILE A 1 -7.65 -8.81 1.43
C ILE A 1 -8.69 -9.90 1.16
N ILE A 2 -8.85 -10.29 -0.11
CA ILE A 2 -9.72 -11.39 -0.50
C ILE A 2 -8.91 -12.67 -0.67
N GLY A 3 -9.37 -13.75 0.00
CA GLY A 3 -8.84 -15.09 -0.22
C GLY A 3 -7.53 -15.35 0.53
N GLY A 4 -7.29 -14.60 1.61
CA GLY A 4 -6.03 -14.65 2.33
C GLY A 4 -6.15 -15.30 3.71
N ARG A 5 -5.14 -15.03 4.56
CA ARG A 5 -5.08 -15.52 5.93
C ARG A 5 -4.77 -14.36 6.86
N GLU A 6 -5.06 -14.54 8.15
CA GLU A 6 -4.60 -13.63 9.19
C GLU A 6 -3.08 -13.66 9.21
N SER A 7 -2.44 -12.47 9.23
CA SER A 7 -0.99 -12.37 9.38
C SER A 7 -0.59 -12.87 10.77
N ARG A 8 0.63 -13.42 10.88
CA ARG A 8 1.25 -13.64 12.17
C ARG A 8 1.39 -12.26 12.83
N PRO A 9 0.88 -12.05 14.07
CA PRO A 9 0.93 -10.72 14.70
C PRO A 9 2.34 -10.14 14.72
N HIS A 10 2.48 -8.92 14.16
CA HIS A 10 3.69 -8.12 14.20
C HIS A 10 4.78 -8.68 13.29
N SER A 11 4.42 -9.59 12.37
CA SER A 11 5.36 -10.19 11.43
C SER A 11 5.71 -9.24 10.27
N ARG A 12 4.91 -8.18 10.10
CA ARG A 12 5.15 -7.18 9.07
C ARG A 12 5.16 -5.81 9.74
N PRO A 13 6.24 -5.50 10.50
CA PRO A 13 6.27 -4.32 11.37
C PRO A 13 6.36 -2.95 10.70
N TYR A 14 6.49 -2.97 9.37
CA TYR A 14 6.49 -1.78 8.52
C TYR A 14 5.07 -1.33 8.20
N MET A 15 4.06 -2.17 8.48
CA MET A 15 2.69 -1.88 8.07
C MET A 15 2.13 -0.67 8.85
N ALA A 16 1.49 0.24 8.12
CA ALA A 16 0.83 1.42 8.68
C ALA A 16 -0.65 1.40 8.34
N TYR A 17 -1.49 1.66 9.35
CA TYR A 17 -2.91 1.87 9.17
C TYR A 17 -3.18 3.38 9.14
N LEU A 18 -3.92 3.83 8.10
CA LEU A 18 -4.24 5.23 7.92
C LEU A 18 -5.73 5.49 8.14
N GLN A 19 -6.03 6.43 9.06
CA GLN A 19 -7.37 6.98 9.26
C GLN A 19 -7.38 8.38 8.66
N ILE A 20 -8.19 8.55 7.61
CA ILE A 20 -8.17 9.71 6.76
C ILE A 20 -9.49 10.47 6.92
N GLN A 21 -9.39 11.79 7.11
CA GLN A 21 -10.57 12.64 7.21
C GLN A 21 -10.43 13.78 6.20
N SER A 22 -11.55 14.15 5.58
CA SER A 22 -11.64 15.37 4.78
C SER A 22 -13.10 15.82 4.72
N PRO A 23 -13.43 16.93 4.03
CA PRO A 23 -14.83 17.35 3.88
C PRO A 23 -15.70 16.25 3.27
N ALA A 24 -15.06 15.39 2.47
CA ALA A 24 -15.73 14.30 1.78
C ALA A 24 -16.03 13.15 2.73
N GLY A 25 -15.52 13.21 3.97
CA GLY A 25 -15.84 12.24 5.00
C GLY A 25 -14.62 11.40 5.41
N GLN A 26 -14.89 10.20 5.94
CA GLN A 26 -13.88 9.31 6.50
C GLN A 26 -13.47 8.24 5.50
N SER A 27 -12.16 7.92 5.43
CA SER A 27 -11.66 6.82 4.64
C SER A 27 -10.60 6.04 5.41
N ARG A 28 -10.26 4.85 4.89
CA ARG A 28 -9.25 3.97 5.45
C ARG A 28 -8.32 3.52 4.34
N CYS A 29 -7.00 3.51 4.63
CA CYS A 29 -5.99 2.99 3.73
C CYS A 29 -4.89 2.28 4.52
N GLY A 30 -4.07 1.51 3.77
CA GLY A 30 -2.78 1.02 4.24
C GLY A 30 -1.64 1.91 3.77
N GLY A 31 -0.43 1.52 4.16
CA GLY A 31 0.79 2.24 3.89
C GLY A 31 1.96 1.48 4.50
N PHE A 32 3.20 1.95 4.30
CA PHE A 32 4.33 1.24 4.86
C PHE A 32 5.46 2.23 5.17
N LEU A 33 6.11 1.99 6.32
CA LEU A 33 7.22 2.79 6.82
C LEU A 33 8.45 2.54 5.96
N VAL A 34 9.01 3.62 5.39
CA VAL A 34 10.19 3.49 4.54
C VAL A 34 11.40 4.16 5.19
N ARG A 35 11.14 4.98 6.23
CA ARG A 35 12.18 5.55 7.08
C ARG A 35 11.51 5.93 8.40
N GLU A 36 12.30 6.21 9.44
CA GLU A 36 11.77 6.50 10.77
C GLU A 36 10.75 7.65 10.75
N ASP A 37 10.79 8.51 9.70
CA ASP A 37 9.92 9.67 9.64
C ASP A 37 8.98 9.70 8.43
N PHE A 38 8.94 8.64 7.61
CA PHE A 38 8.17 8.68 6.38
C PHE A 38 7.40 7.38 6.15
N VAL A 39 6.12 7.50 5.77
CA VAL A 39 5.33 6.37 5.31
C VAL A 39 4.99 6.57 3.83
N LEU A 40 5.09 5.49 3.03
CA LEU A 40 4.70 5.53 1.63
C LEU A 40 3.30 4.92 1.48
N THR A 41 2.48 5.51 0.59
CA THR A 41 1.12 5.07 0.36
C THR A 41 0.66 5.58 -1.01
N ALA A 42 -0.64 5.53 -1.30
CA ALA A 42 -1.17 6.00 -2.59
C ALA A 42 -1.73 7.41 -2.46
N ALA A 43 -1.66 8.18 -3.57
CA ALA A 43 -2.08 9.59 -3.60
C ALA A 43 -3.59 9.72 -3.46
N HIS A 44 -4.33 8.71 -3.89
CA HIS A 44 -5.79 8.71 -3.79
C HIS A 44 -6.25 8.52 -2.34
N CYS A 45 -5.31 8.28 -1.40
CA CYS A 45 -5.60 8.20 0.02
C CYS A 45 -5.46 9.58 0.70
N TRP A 46 -5.24 10.64 -0.09
CA TRP A 46 -5.04 11.97 0.46
C TRP A 46 -6.29 12.43 1.22
N GLY A 47 -6.04 13.15 2.33
CA GLY A 47 -7.08 13.85 3.09
C GLY A 47 -6.45 15.04 3.80
N SER A 48 -7.29 15.93 4.34
CA SER A 48 -6.81 17.11 5.04
C SER A 48 -6.24 16.77 6.42
N ASN A 49 -6.60 15.60 6.96
CA ASN A 49 -6.08 15.09 8.22
C ASN A 49 -5.85 13.59 8.08
N ILE A 50 -4.62 13.13 8.31
CA ILE A 50 -4.28 11.69 8.31
C ILE A 50 -3.57 11.33 9.61
N ASN A 51 -4.09 10.33 10.33
CA ASN A 51 -3.43 9.75 11.49
C ASN A 51 -2.90 8.37 11.13
N VAL A 52 -1.66 8.07 11.55
CA VAL A 52 -1.01 6.81 11.23
C VAL A 52 -0.87 5.97 12.50
N THR A 53 -1.19 4.67 12.39
CA THR A 53 -0.91 3.73 13.47
C THR A 53 0.10 2.69 13.00
N LEU A 54 1.23 2.61 13.71
CA LEU A 54 2.21 1.54 13.55
C LEU A 54 2.15 0.62 14.77
N GLY A 55 2.67 -0.60 14.62
CA GLY A 55 2.74 -1.55 15.73
C GLY A 55 1.43 -2.31 15.96
N ALA A 56 0.50 -2.27 15.01
CA ALA A 56 -0.84 -2.79 15.23
C ALA A 56 -1.00 -4.19 14.64
N HIS A 57 -1.91 -4.98 15.26
CA HIS A 57 -2.43 -6.18 14.63
C HIS A 57 -3.96 -6.08 14.57
N ASN A 58 -4.61 -5.93 15.73
CA ASN A 58 -6.02 -5.64 15.78
C ASN A 58 -6.21 -4.13 15.98
N ILE A 59 -6.55 -3.41 14.89
N ILE A 59 -6.55 -3.43 14.88
CA ILE A 59 -6.57 -1.96 14.93
CA ILE A 59 -6.60 -1.97 14.89
C ILE A 59 -7.83 -1.43 15.62
C ILE A 59 -7.79 -1.45 15.70
N GLN A 60 -8.76 -2.32 16.01
CA GLN A 60 -9.97 -1.92 16.72
C GLN A 60 -9.80 -1.96 18.24
N ARG A 61 -8.69 -2.53 18.74
CA ARG A 61 -8.43 -2.62 20.16
C ARG A 61 -7.10 -1.92 20.50
N ARG A 62 -6.98 -1.45 21.75
CA ARG A 62 -5.74 -0.90 22.27
C ARG A 62 -4.70 -2.00 22.39
N GLU A 63 -3.45 -1.72 21.97
CA GLU A 63 -2.32 -2.56 22.33
C GLU A 63 -1.13 -1.64 22.59
N ASN A 64 -0.33 -1.97 23.61
CA ASN A 64 0.76 -1.11 24.04
C ASN A 64 1.90 -1.13 23.02
N THR A 65 1.74 -1.92 21.95
CA THR A 65 2.71 -1.95 20.86
C THR A 65 2.44 -0.82 19.87
N GLN A 66 1.24 -0.23 19.88
CA GLN A 66 0.84 0.74 18.87
C GLN A 66 1.52 2.10 19.08
N GLN A 67 1.88 2.74 17.96
CA GLN A 67 2.33 4.13 17.95
C GLN A 67 1.42 4.93 17.02
N HIS A 68 0.79 5.97 17.58
CA HIS A 68 -0.15 6.82 16.86
C HIS A 68 0.47 8.19 16.58
N ILE A 69 0.70 8.48 15.29
CA ILE A 69 1.39 9.70 14.87
C ILE A 69 0.57 10.37 13.77
N THR A 70 0.28 11.67 13.92
CA THR A 70 -0.41 12.40 12.86
C THR A 70 0.62 12.74 11.78
N ALA A 71 0.19 12.76 10.53
CA ALA A 71 1.04 13.18 9.41
C ALA A 71 1.13 14.71 9.37
N ARG A 72 2.35 15.24 9.46
CA ARG A 72 2.60 16.67 9.39
C ARG A 72 2.45 17.18 7.96
N ARG A 73 2.83 16.36 6.98
CA ARG A 73 2.72 16.70 5.57
C ARG A 73 2.25 15.48 4.79
N ALA A 74 1.33 15.71 3.84
CA ALA A 74 0.89 14.67 2.92
C ALA A 74 1.25 15.11 1.50
N ILE A 75 2.34 14.53 0.97
CA ILE A 75 2.94 14.98 -0.26
C ILE A 75 2.60 14.00 -1.39
N ARG A 76 1.61 14.38 -2.19
CA ARG A 76 1.24 13.65 -3.39
C ARG A 76 2.27 13.91 -4.48
N HIS A 77 2.45 12.94 -5.39
CA HIS A 77 3.22 13.14 -6.60
C HIS A 77 2.63 14.33 -7.34
N PRO A 78 3.45 15.28 -7.85
CA PRO A 78 2.93 16.46 -8.55
C PRO A 78 2.10 16.21 -9.81
N GLN A 79 2.22 15.03 -10.41
CA GLN A 79 1.47 14.71 -11.63
C GLN A 79 0.42 13.63 -11.37
N TYR A 80 0.04 13.42 -10.10
CA TYR A 80 -1.04 12.51 -9.75
C TYR A 80 -2.32 12.99 -10.44
N ASN A 81 -3.00 12.05 -11.10
CA ASN A 81 -4.18 12.34 -11.90
C ASN A 81 -5.36 11.50 -11.38
N GLN A 82 -6.37 12.17 -10.79
CA GLN A 82 -7.52 11.49 -10.23
C GLN A 82 -8.26 10.69 -11.31
N ARG A 83 -8.43 11.31 -12.48
CA ARG A 83 -9.27 10.78 -13.54
C ARG A 83 -8.73 9.45 -14.10
N THR A 84 -7.40 9.37 -14.32
CA THR A 84 -6.78 8.17 -14.89
C THR A 84 -6.18 7.28 -13.79
N ILE A 85 -6.05 7.82 -12.57
CA ILE A 85 -5.39 7.16 -11.45
C ILE A 85 -3.93 6.86 -11.81
N GLN A 86 -3.28 7.80 -12.49
CA GLN A 86 -1.85 7.70 -12.82
C GLN A 86 -1.03 8.45 -11.78
N ASN A 87 0.22 8.01 -11.61
CA ASN A 87 1.15 8.58 -10.65
C ASN A 87 0.58 8.51 -9.24
N ASP A 88 0.01 7.34 -8.90
CA ASP A 88 -0.71 7.12 -7.65
C ASP A 88 0.28 6.74 -6.55
N ILE A 89 0.87 7.78 -5.92
CA ILE A 89 1.90 7.59 -4.91
C ILE A 89 1.99 8.87 -4.07
N MET A 90 2.19 8.70 -2.75
CA MET A 90 2.20 9.81 -1.80
C MET A 90 3.11 9.48 -0.61
N LEU A 91 3.88 10.49 -0.17
CA LEU A 91 4.71 10.35 1.01
C LEU A 91 4.08 11.13 2.17
N LEU A 92 4.03 10.46 3.33
CA LEU A 92 3.61 11.10 4.56
C LEU A 92 4.84 11.38 5.42
N GLN A 93 5.10 12.67 5.70
CA GLN A 93 6.05 13.05 6.73
C GLN A 93 5.36 12.97 8.10
N LEU A 94 5.92 12.12 8.97
CA LEU A 94 5.39 11.94 10.32
C LEU A 94 5.74 13.18 11.14
N SER A 95 4.83 13.56 12.03
CA SER A 95 5.02 14.75 12.88
C SER A 95 6.12 14.51 13.92
N ARG A 96 6.38 13.24 14.25
CA ARG A 96 7.55 12.86 15.03
C ARG A 96 8.07 11.53 14.49
N ARG A 97 9.33 11.22 14.77
N ARG A 97 9.34 11.22 14.78
CA ARG A 97 9.92 9.95 14.39
CA ARG A 97 9.94 9.95 14.40
C ARG A 97 9.34 8.82 15.24
C ARG A 97 9.30 8.83 15.23
N VAL A 98 9.20 7.64 14.64
CA VAL A 98 8.79 6.45 15.37
C VAL A 98 9.92 6.04 16.32
N ARG A 99 9.55 5.33 17.40
CA ARG A 99 10.52 4.56 18.19
C ARG A 99 10.65 3.17 17.56
N ARG A 100 11.83 2.91 16.99
CA ARG A 100 12.08 1.68 16.26
C ARG A 100 12.22 0.52 17.25
N ASN A 101 11.56 -0.59 16.93
CA ASN A 101 11.64 -1.79 17.76
C ASN A 101 11.19 -2.99 16.93
N ARG A 102 11.05 -4.15 17.59
CA ARG A 102 10.59 -5.40 16.98
C ARG A 102 9.29 -5.22 16.19
N ASN A 103 8.41 -4.31 16.64
CA ASN A 103 7.06 -4.20 16.09
C ASN A 103 6.92 -3.01 15.13
N VAL A 104 7.91 -2.10 15.11
CA VAL A 104 7.89 -0.90 14.27
C VAL A 104 9.28 -0.69 13.67
N ASN A 105 9.44 -0.97 12.36
CA ASN A 105 10.66 -0.62 11.65
C ASN A 105 10.42 -0.61 10.14
N PRO A 106 11.27 0.09 9.35
CA PRO A 106 11.04 0.28 7.91
C PRO A 106 11.31 -0.93 7.02
N VAL A 107 10.79 -0.86 5.77
CA VAL A 107 11.01 -1.88 4.76
C VAL A 107 11.82 -1.27 3.62
N ALA A 108 12.65 -2.11 2.97
CA ALA A 108 13.51 -1.67 1.89
C ALA A 108 12.71 -1.45 0.61
N LEU A 109 13.22 -0.54 -0.24
CA LEU A 109 12.69 -0.30 -1.57
C LEU A 109 13.57 -1.00 -2.60
N PRO A 110 13.07 -1.24 -3.84
CA PRO A 110 13.90 -1.83 -4.88
C PRO A 110 15.00 -0.88 -5.35
N ARG A 111 15.93 -1.44 -6.15
CA ARG A 111 16.91 -0.65 -6.88
C ARG A 111 16.27 -0.23 -8.21
N ALA A 112 16.87 0.74 -8.89
CA ALA A 112 16.21 1.45 -9.98
C ALA A 112 16.02 0.56 -11.21
N GLN A 113 17.05 -0.19 -11.60
CA GLN A 113 16.99 -0.98 -12.82
C GLN A 113 16.88 -2.48 -12.53
N GLU A 114 16.49 -2.81 -11.30
CA GLU A 114 16.40 -4.20 -10.83
C GLU A 114 15.31 -4.94 -11.60
N GLY A 115 14.09 -4.40 -11.54
CA GLY A 115 12.94 -4.89 -12.30
C GLY A 115 12.04 -5.77 -11.45
N LEU A 116 10.87 -6.09 -12.00
CA LEU A 116 9.95 -7.09 -11.46
C LEU A 116 9.19 -7.72 -12.62
N ARG A 117 9.45 -9.01 -12.91
CA ARG A 117 9.01 -9.63 -14.14
C ARG A 117 7.81 -10.55 -13.91
N PRO A 118 6.95 -10.74 -14.93
CA PRO A 118 5.80 -11.65 -14.84
C PRO A 118 6.19 -13.02 -14.28
N GLY A 119 5.30 -13.58 -13.47
CA GLY A 119 5.52 -14.90 -12.89
C GLY A 119 6.13 -14.83 -11.49
N THR A 120 6.57 -13.65 -11.06
CA THR A 120 7.15 -13.52 -9.72
C THR A 120 6.01 -13.60 -8.71
N LEU A 121 6.24 -14.34 -7.62
CA LEU A 121 5.27 -14.44 -6.55
C LEU A 121 5.61 -13.42 -5.47
N CYS A 122 4.58 -12.70 -5.02
CA CYS A 122 4.71 -11.63 -4.03
C CYS A 122 3.61 -11.79 -2.98
N THR A 123 3.69 -10.99 -1.90
CA THR A 123 2.64 -10.93 -0.90
C THR A 123 2.17 -9.48 -0.76
N VAL A 124 0.85 -9.30 -0.59
CA VAL A 124 0.26 -8.02 -0.21
C VAL A 124 -0.50 -8.22 1.11
N ALA A 125 -0.49 -7.19 1.97
CA ALA A 125 -1.13 -7.22 3.27
C ALA A 125 -1.93 -5.94 3.52
N GLY A 126 -2.99 -6.05 4.33
CA GLY A 126 -3.82 -4.91 4.68
C GLY A 126 -5.02 -5.29 5.57
N TRP A 127 -5.74 -4.25 6.00
CA TRP A 127 -6.92 -4.34 6.86
C TRP A 127 -8.21 -4.18 6.04
N GLY A 128 -8.13 -4.37 4.72
CA GLY A 128 -9.24 -4.13 3.82
C GLY A 128 -10.30 -5.22 3.86
N ARG A 129 -11.33 -5.04 3.01
CA ARG A 129 -12.47 -5.95 2.92
C ARG A 129 -12.02 -7.35 2.47
N VAL A 130 -12.73 -8.36 2.99
CA VAL A 130 -12.46 -9.77 2.71
C VAL A 130 -13.46 -10.30 1.69
N SER A 131 -14.55 -9.56 1.47
CA SER A 131 -15.50 -9.82 0.39
C SER A 131 -16.07 -8.48 -0.06
N MET A 132 -17.18 -8.52 -0.80
CA MET A 132 -17.76 -7.29 -1.35
C MET A 132 -18.16 -6.32 -0.23
N ARG A 133 -18.75 -6.83 0.86
CA ARG A 133 -19.35 -5.97 1.87
C ARG A 133 -18.77 -6.17 3.28
N ARG A 134 -17.92 -7.19 3.52
CA ARG A 134 -17.50 -7.48 4.88
C ARG A 134 -16.00 -7.24 5.05
N GLY A 135 -15.63 -6.79 6.27
CA GLY A 135 -14.28 -6.36 6.58
C GLY A 135 -13.63 -7.23 7.67
N THR A 136 -12.52 -6.73 8.22
CA THR A 136 -11.74 -7.40 9.24
C THR A 136 -11.17 -6.36 10.20
N ASP A 137 -10.96 -6.76 11.45
CA ASP A 137 -10.34 -5.93 12.47
C ASP A 137 -8.82 -6.14 12.47
N THR A 138 -8.36 -7.31 12.00
CA THR A 138 -6.97 -7.71 12.13
C THR A 138 -6.33 -7.84 10.75
N LEU A 139 -5.02 -7.56 10.72
CA LEU A 139 -4.22 -7.60 9.51
C LEU A 139 -4.30 -8.99 8.86
N ARG A 140 -4.43 -8.98 7.53
CA ARG A 140 -4.48 -10.19 6.72
C ARG A 140 -3.51 -10.06 5.55
N GLU A 141 -3.25 -11.19 4.86
CA GLU A 141 -2.30 -11.20 3.75
C GLU A 141 -2.68 -12.28 2.73
N VAL A 142 -2.18 -12.12 1.51
CA VAL A 142 -2.38 -13.11 0.48
C VAL A 142 -1.22 -13.06 -0.52
N GLN A 143 -0.90 -14.22 -1.11
CA GLN A 143 0.12 -14.30 -2.14
C GLN A 143 -0.51 -14.14 -3.52
N LEU A 144 0.08 -13.25 -4.33
CA LEU A 144 -0.38 -12.96 -5.68
C LEU A 144 0.80 -13.08 -6.65
N ARG A 145 0.52 -13.51 -7.89
CA ARG A 145 1.55 -13.61 -8.91
C ARG A 145 1.49 -12.41 -9.85
N VAL A 146 2.67 -11.92 -10.25
CA VAL A 146 2.83 -10.85 -11.20
C VAL A 146 2.39 -11.35 -12.58
N GLN A 147 1.53 -10.57 -13.25
CA GLN A 147 1.00 -10.91 -14.56
C GLN A 147 1.78 -10.15 -15.63
N ARG A 148 1.54 -10.52 -16.89
CA ARG A 148 2.12 -9.84 -18.04
C ARG A 148 1.40 -8.52 -18.31
N ASP A 149 2.14 -7.55 -18.86
CA ASP A 149 1.61 -6.23 -19.18
C ASP A 149 0.28 -6.32 -19.95
N ARG A 150 0.23 -7.16 -20.99
CA ARG A 150 -0.94 -7.21 -21.87
C ARG A 150 -2.21 -7.64 -21.13
N GLN A 151 -2.08 -8.39 -20.03
CA GLN A 151 -3.23 -8.83 -19.27
C GLN A 151 -3.95 -7.65 -18.60
N CYS A 152 -3.20 -6.57 -18.28
CA CYS A 152 -3.82 -5.35 -17.77
C CYS A 152 -4.13 -4.36 -18.89
N LEU A 153 -3.32 -4.35 -19.95
CA LEU A 153 -3.53 -3.44 -21.06
C LEU A 153 -4.90 -3.70 -21.72
N ARG A 154 -5.28 -4.98 -21.77
CA ARG A 154 -6.54 -5.40 -22.39
C ARG A 154 -7.75 -4.89 -21.60
N ILE A 155 -7.66 -4.77 -20.27
CA ILE A 155 -8.84 -4.53 -19.48
C ILE A 155 -8.82 -3.15 -18.82
N PHE A 156 -7.65 -2.48 -18.79
CA PHE A 156 -7.54 -1.15 -18.19
C PHE A 156 -6.97 -0.15 -19.20
N GLY A 157 -7.86 0.69 -19.74
CA GLY A 157 -7.54 1.59 -20.84
C GLY A 157 -6.34 2.50 -20.56
N SER A 158 -6.17 2.92 -19.30
CA SER A 158 -5.17 3.92 -18.94
C SER A 158 -3.91 3.28 -18.34
N TYR A 159 -3.81 1.94 -18.40
CA TYR A 159 -2.69 1.23 -17.82
C TYR A 159 -1.40 1.58 -18.57
N ASP A 160 -0.33 1.79 -17.78
CA ASP A 160 1.01 2.07 -18.29
C ASP A 160 2.01 1.19 -17.54
N PRO A 161 2.61 0.17 -18.19
CA PRO A 161 3.57 -0.72 -17.51
C PRO A 161 4.90 -0.07 -17.12
N ARG A 162 5.17 1.11 -17.65
CA ARG A 162 6.32 1.90 -17.23
C ARG A 162 6.15 2.33 -15.77
N ARG A 163 4.91 2.53 -15.33
CA ARG A 163 4.62 3.15 -14.04
C ARG A 163 3.81 2.24 -13.11
N GLN A 164 3.22 1.16 -13.65
CA GLN A 164 2.31 0.29 -12.91
C GLN A 164 2.71 -1.18 -13.07
N ILE A 165 2.25 -2.02 -12.14
CA ILE A 165 2.44 -3.46 -12.16
C ILE A 165 1.08 -4.14 -12.30
N CYS A 166 1.03 -5.23 -13.08
CA CYS A 166 -0.16 -6.05 -13.26
C CYS A 166 -0.10 -7.27 -12.34
N VAL A 167 -1.10 -7.45 -11.46
CA VAL A 167 -0.99 -8.40 -10.36
C VAL A 167 -2.28 -9.19 -10.18
N GLY A 168 -2.13 -10.52 -10.06
CA GLY A 168 -3.22 -11.40 -9.64
C GLY A 168 -3.75 -12.24 -10.79
N ASP A 169 -3.76 -13.56 -10.58
CA ASP A 169 -4.29 -14.54 -11.54
C ASP A 169 -5.81 -14.57 -11.43
N ARG A 170 -6.50 -14.25 -12.53
CA ARG A 170 -7.95 -14.17 -12.54
C ARG A 170 -8.59 -15.52 -12.19
N ARG A 171 -7.80 -16.60 -12.25
CA ARG A 171 -8.30 -17.94 -11.98
C ARG A 171 -8.53 -18.17 -10.50
N GLU A 172 -7.88 -17.37 -9.63
CA GLU A 172 -7.99 -17.57 -8.19
C GLU A 172 -8.73 -16.39 -7.56
N ARG A 173 -9.55 -16.71 -6.55
CA ARG A 173 -10.25 -15.71 -5.76
C ARG A 173 -9.27 -15.19 -4.70
N LYS A 174 -8.31 -14.37 -5.15
CA LYS A 174 -7.27 -13.80 -4.32
C LYS A 174 -6.96 -12.41 -4.85
N ALA A 175 -7.09 -11.39 -3.98
CA ALA A 175 -6.87 -10.01 -4.41
C ALA A 175 -6.70 -9.07 -3.21
N ALA A 176 -5.97 -7.98 -3.44
CA ALA A 176 -6.13 -6.78 -2.62
C ALA A 176 -7.46 -6.13 -3.05
N PHE A 177 -8.13 -5.46 -2.13
CA PHE A 177 -9.43 -4.88 -2.42
C PHE A 177 -9.56 -3.58 -1.63
N LYS A 178 -10.78 -3.05 -1.55
CA LYS A 178 -11.05 -1.79 -0.88
C LYS A 178 -10.61 -1.89 0.58
N GLY A 179 -10.00 -0.82 1.08
CA GLY A 179 -9.42 -0.79 2.42
C GLY A 179 -7.93 -1.14 2.42
N ASP A 180 -7.46 -1.83 1.37
CA ASP A 180 -6.06 -2.21 1.26
C ASP A 180 -5.23 -1.20 0.47
N SER A 181 -5.87 -0.16 -0.13
CA SER A 181 -5.17 0.85 -0.90
C SER A 181 -3.94 1.33 -0.14
N GLY A 182 -2.85 1.57 -0.86
CA GLY A 182 -1.66 2.20 -0.27
C GLY A 182 -0.69 1.20 0.34
N GLY A 183 -1.16 -0.02 0.58
CA GLY A 183 -0.34 -1.06 1.19
C GLY A 183 0.72 -1.60 0.23
N PRO A 184 1.74 -2.31 0.76
CA PRO A 184 2.85 -2.80 -0.07
C PRO A 184 2.59 -4.12 -0.77
N LEU A 185 3.17 -4.27 -1.96
CA LEU A 185 3.47 -5.57 -2.56
C LEU A 185 4.92 -5.93 -2.22
N LEU A 186 5.10 -6.98 -1.40
CA LEU A 186 6.41 -7.46 -0.97
C LEU A 186 6.83 -8.61 -1.88
N CYS A 187 7.98 -8.45 -2.55
CA CYS A 187 8.58 -9.53 -3.32
C CYS A 187 10.01 -9.74 -2.80
N ASN A 188 10.29 -10.96 -2.32
CA ASN A 188 11.57 -11.29 -1.73
C ASN A 188 11.95 -10.24 -0.69
N ASN A 189 10.96 -9.84 0.13
CA ASN A 189 11.16 -9.00 1.31
C ASN A 189 11.39 -7.53 0.94
N VAL A 190 11.14 -7.14 -0.32
CA VAL A 190 11.28 -5.75 -0.76
C VAL A 190 9.94 -5.22 -1.25
N ALA A 191 9.64 -3.95 -0.96
CA ALA A 191 8.39 -3.33 -1.36
C ALA A 191 8.48 -2.77 -2.78
N HIS A 192 8.09 -3.58 -3.78
CA HIS A 192 8.16 -3.20 -5.17
C HIS A 192 6.95 -2.41 -5.64
N GLY A 193 5.80 -2.55 -4.94
CA GLY A 193 4.56 -1.96 -5.43
C GLY A 193 3.69 -1.36 -4.33
N ILE A 194 2.66 -0.62 -4.78
CA ILE A 194 1.66 0.03 -3.92
C ILE A 194 0.27 -0.32 -4.45
N VAL A 195 -0.64 -0.79 -3.58
CA VAL A 195 -2.00 -1.12 -3.96
C VAL A 195 -2.67 0.15 -4.50
N SER A 196 -3.14 0.12 -5.75
CA SER A 196 -3.73 1.29 -6.37
C SER A 196 -5.23 1.06 -6.65
N TYR A 197 -5.57 0.28 -7.70
CA TYR A 197 -6.98 0.09 -8.01
C TYR A 197 -7.21 -1.23 -8.76
N GLY A 198 -8.49 -1.54 -8.97
CA GLY A 198 -8.89 -2.73 -9.70
C GLY A 198 -10.37 -2.66 -10.06
N LYS A 199 -10.92 -3.77 -10.55
CA LYS A 199 -12.34 -3.81 -10.89
C LYS A 199 -13.17 -3.86 -9.61
N SER A 200 -14.36 -3.24 -9.65
CA SER A 200 -15.28 -3.24 -8.53
C SER A 200 -15.62 -4.65 -8.05
N SER A 201 -15.58 -5.62 -8.97
CA SER A 201 -15.89 -7.01 -8.68
C SER A 201 -14.89 -7.67 -7.74
N GLY A 202 -13.67 -7.12 -7.64
CA GLY A 202 -12.61 -7.74 -6.87
C GLY A 202 -11.88 -8.85 -7.63
N VAL A 203 -12.25 -9.08 -8.89
CA VAL A 203 -11.64 -10.14 -9.69
C VAL A 203 -10.37 -9.57 -10.35
N PRO A 204 -9.22 -10.22 -10.10
CA PRO A 204 -7.97 -9.75 -10.71
C PRO A 204 -7.95 -10.03 -12.22
N PRO A 205 -6.91 -9.61 -12.99
CA PRO A 205 -5.80 -8.77 -12.50
C PRO A 205 -6.17 -7.38 -11.97
N GLU A 206 -5.27 -6.80 -11.17
CA GLU A 206 -5.44 -5.47 -10.60
C GLU A 206 -4.14 -4.68 -10.75
N VAL A 207 -4.19 -3.40 -10.36
CA VAL A 207 -3.13 -2.44 -10.67
C VAL A 207 -2.47 -1.95 -9.38
N PHE A 208 -1.13 -2.10 -9.37
CA PHE A 208 -0.27 -1.54 -8.34
C PHE A 208 0.62 -0.46 -8.96
N THR A 209 0.98 0.57 -8.17
CA THR A 209 2.01 1.51 -8.57
C THR A 209 3.36 0.80 -8.53
N ARG A 210 4.21 1.05 -9.55
CA ARG A 210 5.55 0.49 -9.63
C ARG A 210 6.53 1.45 -8.95
N VAL A 211 7.00 1.06 -7.75
CA VAL A 211 7.82 1.93 -6.91
C VAL A 211 9.09 2.34 -7.66
N SER A 212 9.75 1.39 -8.32
CA SER A 212 11.04 1.60 -8.98
C SER A 212 11.01 2.81 -9.90
N SER A 213 9.85 3.10 -10.48
CA SER A 213 9.71 4.20 -11.42
C SER A 213 9.75 5.55 -10.70
N PHE A 214 9.46 5.58 -9.39
CA PHE A 214 9.33 6.85 -8.69
C PHE A 214 10.50 7.10 -7.73
N LEU A 215 11.56 6.29 -7.82
CA LEU A 215 12.61 6.33 -6.82
C LEU A 215 13.25 7.72 -6.78
N PRO A 216 13.56 8.34 -7.95
CA PRO A 216 14.07 9.71 -7.96
C PRO A 216 13.21 10.71 -7.20
N TRP A 217 11.89 10.69 -7.45
CA TRP A 217 10.98 11.60 -6.76
C TRP A 217 10.93 11.27 -5.27
N ILE A 218 11.01 9.97 -4.91
CA ILE A 218 10.98 9.55 -3.52
C ILE A 218 12.22 10.07 -2.79
N ARG A 219 13.41 9.79 -3.35
CA ARG A 219 14.68 10.18 -2.76
C ARG A 219 14.76 11.68 -2.57
N THR A 220 14.43 12.44 -3.62
CA THR A 220 14.51 13.89 -3.60
C THR A 220 13.62 14.45 -2.49
N THR A 221 12.40 13.91 -2.37
CA THR A 221 11.41 14.38 -1.41
C THR A 221 11.89 14.14 0.03
N MET A 222 12.35 12.92 0.32
CA MET A 222 12.75 12.55 1.66
C MET A 222 14.03 13.29 2.07
N ARG A 223 14.89 13.59 1.09
CA ARG A 223 16.14 14.29 1.37
C ARG A 223 15.86 15.73 1.79
N SER A 224 14.89 16.39 1.13
CA SER A 224 14.67 17.81 1.33
C SER A 224 14.02 18.06 2.71
#